data_9E6U
#
_entry.id   9E6U
#
_cell.length_a   60.705
_cell.length_b   93.902
_cell.length_c   105.218
_cell.angle_alpha   90.000
_cell.angle_beta   90.000
_cell.angle_gamma   90.000
#
_symmetry.space_group_name_H-M   'P 21 21 21'
#
loop_
_entity.id
_entity.type
_entity.pdbx_description
1 polymer 'Threonine aspartase 1'
2 non-polymer 'SODIUM ION'
3 non-polymer (2R)-4-(ethenylsulfonyl)-1-{[3-fluoro-4-(trifluoromethoxy)phenyl]methyl}-2-{[(1H-1,2,3-triazol-4-yl)methoxy]methyl}piperazine
#
_entity_poly.entity_id   1
_entity_poly.type   'polypeptide(L)'
_entity_poly.pdbx_seq_one_letter_code
;MGSSHHHHHHSQDRGGFVLVHAGAGYHSESKAKEYKHVCKRACQKAIEKLQAGALATDAVTAALVELEDSPFTNAGMGSN
LNLLGEIECDASIMDGKSLNFGAVGALSGIKNPVSVANRLLCEGQKGKLSAGRIPPCFLVGEGAYRWAVDHGIPSCPPNI
MTTRFSLAAFKRNKRKLELAERVDTDFMQLKKRRQSSEKENDSGTLDTVGAVVVDHEGNVAAAVSSGGLALKHPGRVGQA
ALYGCGCWAENTGAHNPYSTAVSTSGCGEHLVRTILARECSHALQAEDAHQALLETMQNKFISSPFLASEDGVLGGVIVL
RSCRCSAEPDSSQNKQTLLVEFLWSHTTESMCVGYMSAQDGKAKTHISRLPPGAVAGQSVAIEGGVCRLESPVN
;
_entity_poly.pdbx_strand_id   A,B
#
# COMPACT_ATOMS: atom_id res chain seq x y z
N ARG A 14 0.66 33.53 -7.30
CA ARG A 14 1.12 33.06 -5.99
C ARG A 14 -0.02 33.10 -4.99
N GLY A 15 -0.56 31.92 -4.68
CA GLY A 15 -1.66 31.79 -3.72
C GLY A 15 -1.93 30.33 -3.40
N GLY A 16 -2.78 30.12 -2.39
CA GLY A 16 -3.19 28.77 -2.02
C GLY A 16 -3.79 28.69 -0.63
N PHE A 17 -3.95 27.44 -0.17
CA PHE A 17 -4.71 27.11 1.04
C PHE A 17 -4.16 25.82 1.65
N VAL A 18 -4.17 25.76 3.00
CA VAL A 18 -3.63 24.60 3.69
C VAL A 18 -4.57 24.18 4.81
N LEU A 19 -4.50 22.89 5.13
CA LEU A 19 -5.28 22.23 6.16
C LEU A 19 -4.38 21.19 6.81
N VAL A 20 -4.23 21.24 8.12
CA VAL A 20 -3.36 20.32 8.85
C VAL A 20 -4.12 19.80 10.07
N HIS A 21 -3.57 18.74 10.68
CA HIS A 21 -4.08 18.22 11.92
C HIS A 21 -2.92 17.66 12.74
N ALA A 22 -3.01 17.78 14.06
CA ALA A 22 -1.93 17.33 14.94
C ALA A 22 -2.27 16.06 15.71
N GLY A 23 -3.43 15.47 15.47
CA GLY A 23 -3.74 14.18 16.03
C GLY A 23 -5.23 13.95 16.19
N ALA A 24 -5.58 12.68 16.21
CA ALA A 24 -6.93 12.25 16.49
C ALA A 24 -6.82 11.22 17.62
N GLY A 25 -7.31 11.58 18.78
CA GLY A 25 -7.22 10.75 19.95
C GLY A 25 -8.14 11.20 21.08
N TYR A 26 -7.79 10.75 22.28
CA TYR A 26 -8.52 11.12 23.49
C TYR A 26 -8.37 12.61 23.73
N HIS A 27 -9.43 13.19 24.27
CA HIS A 27 -9.45 14.62 24.58
C HIS A 27 -8.56 14.92 25.79
N SER A 28 -7.79 16.00 25.69
CA SER A 28 -6.99 16.49 26.80
C SER A 28 -7.12 18.00 26.83
N GLU A 29 -7.80 18.52 27.84
CA GLU A 29 -7.89 19.98 27.98
C GLU A 29 -6.52 20.59 28.28
N SER A 30 -5.71 19.90 29.09
CA SER A 30 -4.36 20.39 29.40
C SER A 30 -3.54 20.60 28.12
N LYS A 31 -3.45 19.56 27.28
CA LYS A 31 -2.64 19.62 26.08
C LYS A 31 -3.32 20.37 24.94
N ALA A 32 -4.64 20.60 25.05
CA ALA A 32 -5.43 21.13 23.95
C ALA A 32 -4.86 22.40 23.35
N LYS A 33 -4.37 23.31 24.18
CA LYS A 33 -3.92 24.60 23.65
C LYS A 33 -2.58 24.48 22.97
N GLU A 34 -1.76 23.52 23.41
CA GLU A 34 -0.49 23.20 22.74
C GLU A 34 -0.77 22.77 21.30
N TYR A 35 -1.65 21.78 21.14
CA TYR A 35 -2.04 21.27 19.82
C TYR A 35 -2.55 22.38 18.92
N LYS A 36 -3.33 23.31 19.47
CA LYS A 36 -3.84 24.38 18.64
C LYS A 36 -2.70 25.25 18.13
N HIS A 37 -1.60 25.35 18.87
CA HIS A 37 -0.56 26.30 18.50
C HIS A 37 0.37 25.73 17.43
N VAL A 38 0.69 24.43 17.52
CA VAL A 38 1.43 23.77 16.45
C VAL A 38 0.65 23.82 15.13
N CYS A 39 -0.64 23.50 15.15
CA CYS A 39 -1.41 23.59 13.91
C CYS A 39 -1.31 25.00 13.32
N LYS A 40 -1.40 26.01 14.18
CA LYS A 40 -1.25 27.42 13.76
C LYS A 40 0.09 27.66 13.09
N ARG A 41 1.18 27.24 13.74
CA ARG A 41 2.51 27.44 13.17
C ARG A 41 2.68 26.68 11.87
N ALA A 42 2.22 25.43 11.85
CA ALA A 42 2.34 24.59 10.67
C ALA A 42 1.68 25.25 9.46
N CYS A 43 0.48 25.81 9.62
CA CYS A 43 -0.14 26.47 8.49
C CYS A 43 0.69 27.67 8.05
N GLN A 44 1.27 28.38 9.01
CA GLN A 44 2.02 29.59 8.67
C GLN A 44 3.29 29.24 7.89
N LYS A 45 4.00 28.19 8.33
CA LYS A 45 5.11 27.65 7.54
C LYS A 45 4.69 27.18 6.14
N ALA A 46 3.52 26.55 6.01
CA ALA A 46 3.06 26.13 4.70
C ALA A 46 2.71 27.32 3.81
N ILE A 47 2.01 28.32 4.37
CA ILE A 47 1.53 29.41 3.52
C ILE A 47 2.66 30.32 3.10
N GLU A 48 3.67 30.51 3.97
CA GLU A 48 4.77 31.38 3.57
C GLU A 48 5.46 30.78 2.34
N LYS A 49 5.68 29.46 2.34
CA LYS A 49 6.30 28.82 1.17
C LYS A 49 5.46 28.98 -0.10
N LEU A 50 4.13 29.11 0.01
CA LEU A 50 3.31 29.28 -1.18
C LEU A 50 3.32 30.71 -1.67
N GLN A 51 3.52 31.68 -0.78
CA GLN A 51 3.72 33.05 -1.22
C GLN A 51 5.07 33.20 -1.90
N ALA A 52 6.11 32.57 -1.35
CA ALA A 52 7.48 32.54 -1.89
C ALA A 52 7.66 31.61 -3.11
N GLY A 53 6.60 31.26 -3.83
CA GLY A 53 6.72 30.54 -5.09
C GLY A 53 7.01 29.05 -4.98
N ALA A 54 7.15 28.51 -3.77
CA ALA A 54 7.50 27.10 -3.62
C ALA A 54 6.41 26.19 -4.16
N LEU A 55 6.78 24.92 -4.36
CA LEU A 55 5.87 23.85 -4.78
C LEU A 55 4.98 23.37 -3.62
N ALA A 56 3.86 22.76 -4.00
CA ALA A 56 2.95 22.18 -3.02
C ALA A 56 3.65 21.20 -2.09
N THR A 57 4.40 20.27 -2.66
CA THR A 57 5.11 19.31 -1.83
C THR A 57 6.03 20.01 -0.82
N ASP A 58 6.66 21.12 -1.22
CA ASP A 58 7.55 21.78 -0.26
C ASP A 58 6.75 22.48 0.83
N ALA A 59 5.57 23.01 0.51
CA ALA A 59 4.69 23.61 1.51
C ALA A 59 4.20 22.57 2.53
N VAL A 60 3.73 21.41 2.06
CA VAL A 60 3.15 20.44 2.99
C VAL A 60 4.25 19.82 3.84
N THR A 61 5.46 19.72 3.30
CA THR A 61 6.56 19.23 4.12
C THR A 61 6.89 20.22 5.24
N ALA A 62 6.95 21.52 4.91
CA ALA A 62 7.19 22.54 5.93
C ALA A 62 6.14 22.45 7.06
N ALA A 63 4.87 22.25 6.68
CA ALA A 63 3.85 22.05 7.70
C ALA A 63 4.19 20.85 8.57
N LEU A 64 4.64 19.76 7.95
CA LEU A 64 4.81 18.51 8.69
C LEU A 64 6.04 18.54 9.58
N VAL A 65 7.07 19.25 9.13
CA VAL A 65 8.26 19.40 9.97
C VAL A 65 7.90 20.12 11.28
N GLU A 66 7.03 21.13 11.18
CA GLU A 66 6.59 21.87 12.36
C GLU A 66 5.70 21.01 13.27
N LEU A 67 4.72 20.32 12.70
CA LEU A 67 3.92 19.41 13.50
C LEU A 67 4.79 18.35 14.17
N GLU A 68 5.74 17.82 13.39
CA GLU A 68 6.66 16.79 13.87
C GLU A 68 7.39 17.26 15.09
N ASP A 69 7.93 18.49 15.01
CA ASP A 69 8.82 18.99 16.07
C ASP A 69 8.09 19.17 17.39
N SER A 70 6.81 19.44 17.36
CA SER A 70 6.09 19.55 18.60
C SER A 70 6.36 18.34 19.48
N PRO A 71 6.82 18.52 20.72
CA PRO A 71 6.97 17.35 21.61
C PRO A 71 5.70 16.61 21.87
N PHE A 72 4.54 17.24 21.63
CA PHE A 72 3.26 16.66 22.00
C PHE A 72 2.62 15.78 20.91
N THR A 73 3.17 15.76 19.71
CA THR A 73 2.66 14.92 18.62
C THR A 73 3.43 13.62 18.55
N ASN A 74 2.70 12.52 18.32
CA ASN A 74 3.29 11.20 18.06
C ASN A 74 3.82 11.16 16.62
N ALA A 75 5.00 11.76 16.45
CA ALA A 75 5.67 11.94 15.18
C ALA A 75 6.97 12.70 15.42
N GLY A 76 8.00 12.41 14.63
CA GLY A 76 9.21 13.16 14.81
C GLY A 76 9.65 13.12 16.25
N MET A 77 10.16 14.24 16.72
CA MET A 77 10.58 14.28 18.11
C MET A 77 9.39 14.05 19.03
N GLY A 78 9.61 13.21 20.03
CA GLY A 78 8.56 12.90 20.95
C GLY A 78 7.63 11.81 20.50
N SER A 79 8.02 11.03 19.48
CA SER A 79 7.22 9.89 19.04
C SER A 79 7.21 8.81 20.11
N ASN A 80 6.13 8.04 20.11
CA ASN A 80 6.02 6.90 20.99
C ASN A 80 7.27 6.03 20.86
N LEU A 81 7.58 5.36 21.94
CA LEU A 81 8.70 4.47 22.04
C LEU A 81 8.29 3.04 21.73
N ASN A 82 9.15 2.31 21.00
CA ASN A 82 8.83 0.94 20.64
C ASN A 82 9.26 -0.02 21.73
N LEU A 83 9.06 -1.31 21.49
CA LEU A 83 9.24 -2.32 22.53
C LEU A 83 10.64 -2.31 23.12
N LEU A 84 11.61 -1.79 22.40
CA LEU A 84 12.95 -1.58 22.94
C LEU A 84 13.20 -0.13 23.31
N GLY A 85 12.16 0.62 23.61
CA GLY A 85 12.34 2.02 23.95
C GLY A 85 13.07 2.84 22.91
N GLU A 86 13.01 2.42 21.64
CA GLU A 86 13.55 3.25 20.56
C GLU A 86 12.42 3.91 19.79
N ILE A 87 12.77 4.88 18.96
CA ILE A 87 11.85 5.65 18.15
C ILE A 87 11.98 5.16 16.70
N GLU A 88 10.88 4.75 16.10
CA GLU A 88 10.86 4.27 14.72
C GLU A 88 9.69 4.94 14.04
N CYS A 89 9.96 5.73 13.02
CA CYS A 89 8.99 6.64 12.45
C CYS A 89 8.57 6.18 11.04
N ASP A 90 7.27 6.33 10.75
CA ASP A 90 6.74 6.19 9.40
C ASP A 90 6.35 7.57 8.87
N ALA A 91 6.51 7.79 7.56
CA ALA A 91 6.08 9.05 6.94
C ALA A 91 5.99 8.87 5.45
N SER A 92 5.10 9.63 4.83
CA SER A 92 5.07 9.64 3.39
C SER A 92 4.47 10.94 2.90
N ILE A 93 4.50 11.07 1.58
CA ILE A 93 4.16 12.31 0.90
C ILE A 93 3.83 11.96 -0.53
N MET A 94 2.88 12.68 -1.10
CA MET A 94 2.40 12.44 -2.44
C MET A 94 2.15 13.77 -3.12
N ASP A 95 2.55 13.86 -4.38
CA ASP A 95 2.33 15.02 -5.22
C ASP A 95 1.24 14.71 -6.24
N GLY A 96 0.30 15.64 -6.39
CA GLY A 96 -0.87 15.39 -7.17
C GLY A 96 -0.70 15.59 -8.66
N LYS A 97 0.29 16.38 -9.07
CA LYS A 97 0.47 16.67 -10.49
C LYS A 97 1.22 15.55 -11.18
N SER A 98 2.32 15.09 -10.56
CA SER A 98 3.11 13.98 -11.06
C SER A 98 2.61 12.62 -10.60
N LEU A 99 1.95 12.57 -9.44
CA LEU A 99 1.53 11.34 -8.78
C LEU A 99 2.70 10.63 -8.13
N ASN A 100 3.84 11.31 -8.04
CA ASN A 100 5.04 10.80 -7.41
C ASN A 100 4.82 10.62 -5.91
N PHE A 101 5.67 9.81 -5.30
CA PHE A 101 5.43 9.33 -3.96
C PHE A 101 6.72 8.93 -3.30
N GLY A 102 6.94 9.44 -2.10
CA GLY A 102 8.07 9.02 -1.30
C GLY A 102 7.63 8.69 0.10
N ALA A 103 8.36 7.76 0.72
CA ALA A 103 7.91 7.25 1.99
C ALA A 103 9.07 6.63 2.72
N VAL A 104 9.07 6.76 4.05
CA VAL A 104 9.99 6.04 4.91
C VAL A 104 9.21 5.26 5.94
N GLY A 105 9.67 4.06 6.29
CA GLY A 105 9.19 3.37 7.46
C GLY A 105 10.27 2.77 8.33
N ALA A 106 9.86 2.47 9.56
CA ALA A 106 10.75 2.03 10.65
C ALA A 106 12.04 2.82 10.65
N LEU A 107 11.92 4.13 10.48
CA LEU A 107 13.04 5.03 10.38
C LEU A 107 13.48 5.52 11.77
N SER A 108 14.78 5.54 12.03
CA SER A 108 15.34 6.01 13.30
C SER A 108 16.51 6.94 13.09
N GLY A 109 16.90 7.60 14.18
CA GLY A 109 17.98 8.53 14.19
C GLY A 109 17.79 9.77 13.34
N ILE A 110 16.59 10.08 12.90
CA ILE A 110 16.38 11.20 12.00
C ILE A 110 15.35 12.15 12.59
N LYS A 111 15.60 13.45 12.48
CA LYS A 111 14.77 14.33 13.28
C LYS A 111 13.41 14.50 12.64
N ASN A 112 13.40 14.90 11.39
CA ASN A 112 12.19 15.04 10.59
C ASN A 112 12.03 13.94 9.54
N PRO A 113 11.33 12.83 9.87
CA PRO A 113 11.10 11.76 8.86
C PRO A 113 10.43 12.27 7.58
N VAL A 114 9.47 13.17 7.67
CA VAL A 114 8.87 13.68 6.45
C VAL A 114 9.90 14.29 5.52
N SER A 115 10.99 14.82 6.05
CA SER A 115 11.99 15.47 5.20
C SER A 115 12.64 14.46 4.27
N VAL A 116 13.00 13.30 4.82
CA VAL A 116 13.50 12.21 4.02
C VAL A 116 12.49 11.89 2.92
N ALA A 117 11.24 11.61 3.31
CA ALA A 117 10.27 11.16 2.32
C ALA A 117 10.10 12.20 1.21
N ASN A 118 10.20 13.49 1.56
CA ASN A 118 10.09 14.53 0.54
C ASN A 118 11.32 14.53 -0.35
N ARG A 119 12.48 14.24 0.24
CA ARG A 119 13.70 14.19 -0.54
C ARG A 119 13.63 13.11 -1.63
N LEU A 120 13.27 11.90 -1.25
CA LEU A 120 13.14 10.80 -2.20
C LEU A 120 12.35 11.17 -3.45
N LEU A 121 11.38 12.07 -3.31
CA LEU A 121 10.73 12.62 -4.50
C LEU A 121 11.73 13.44 -5.31
N CYS A 122 12.18 14.54 -4.73
CA CYS A 122 12.94 15.52 -5.48
C CYS A 122 14.09 14.86 -6.25
N GLU A 123 14.97 14.14 -5.51
CA GLU A 123 16.11 13.42 -6.10
C GLU A 123 15.66 12.70 -7.36
N GLY A 124 14.43 12.21 -7.36
CA GLY A 124 13.88 11.64 -8.57
C GLY A 124 13.89 12.57 -9.77
N GLN A 125 14.90 12.41 -10.65
CA GLN A 125 14.95 13.08 -11.97
C GLN A 125 15.42 14.52 -11.79
N ILE A 134 11.28 10.67 -10.59
CA ILE A 134 9.85 10.43 -10.76
C ILE A 134 9.37 8.98 -10.39
N PRO A 135 10.25 7.96 -10.28
CA PRO A 135 9.75 6.58 -9.92
C PRO A 135 9.47 6.44 -8.43
N PRO A 136 8.34 5.82 -8.03
CA PRO A 136 7.97 5.82 -6.60
C PRO A 136 9.02 5.14 -5.74
N CYS A 137 9.03 5.44 -4.44
CA CYS A 137 10.17 4.98 -3.65
C CYS A 137 9.86 5.01 -2.15
N PHE A 138 10.32 3.96 -1.47
CA PHE A 138 9.94 3.63 -0.11
C PHE A 138 11.13 2.90 0.50
N LEU A 139 11.81 3.55 1.44
CA LEU A 139 13.01 3.03 2.09
C LEU A 139 12.67 2.82 3.56
N VAL A 140 13.15 1.72 4.12
CA VAL A 140 12.87 1.39 5.50
C VAL A 140 14.16 1.15 6.27
N GLY A 141 14.11 1.39 7.57
CA GLY A 141 15.12 0.99 8.54
C GLY A 141 16.46 1.60 8.24
N GLU A 142 17.52 0.81 8.49
CA GLU A 142 18.88 1.34 8.45
C GLU A 142 19.18 1.91 7.07
N GLY A 143 18.65 1.25 6.03
CA GLY A 143 18.92 1.69 4.68
C GLY A 143 18.31 3.05 4.42
N ALA A 144 17.16 3.31 5.06
CA ALA A 144 16.56 4.64 5.00
C ALA A 144 17.44 5.63 5.73
N TYR A 145 17.97 5.25 6.88
CA TYR A 145 18.92 6.10 7.59
C TYR A 145 20.17 6.37 6.73
N ARG A 146 20.80 5.32 6.22
CA ARG A 146 21.96 5.55 5.36
C ARG A 146 21.59 6.45 4.19
N TRP A 147 20.47 6.23 3.54
CA TRP A 147 20.12 7.12 2.44
C TRP A 147 20.09 8.57 2.92
N ALA A 148 19.50 8.80 4.11
CA ALA A 148 19.20 10.14 4.59
C ALA A 148 20.48 10.90 4.95
N VAL A 149 21.28 10.30 5.82
CA VAL A 149 22.61 10.82 6.18
C VAL A 149 23.43 11.10 4.93
N ASP A 150 23.47 10.12 4.01
CA ASP A 150 24.17 10.29 2.74
C ASP A 150 23.59 11.42 1.88
N HIS A 151 22.35 11.88 2.13
CA HIS A 151 21.80 12.97 1.32
C HIS A 151 21.58 14.24 2.14
N GLY A 152 22.26 14.39 3.29
CA GLY A 152 22.31 15.67 3.94
C GLY A 152 21.25 15.89 5.00
N ILE A 153 20.30 14.98 5.16
CA ILE A 153 19.25 15.21 6.14
C ILE A 153 19.84 15.12 7.55
N PRO A 154 19.51 16.04 8.45
CA PRO A 154 20.15 16.03 9.77
C PRO A 154 19.71 14.83 10.59
N SER A 155 20.70 14.09 11.13
CA SER A 155 20.41 13.05 12.11
C SER A 155 20.07 13.66 13.48
N CYS A 156 18.92 13.09 14.17
CA CYS A 156 18.32 13.57 15.41
C CYS A 156 18.96 12.97 16.66
N PRO A 157 18.88 13.72 17.78
CA PRO A 157 19.53 13.30 19.03
C PRO A 157 19.01 11.95 19.57
N THR A 208 -0.10 10.71 15.27
CA THR A 208 0.05 10.89 13.84
C THR A 208 -0.27 12.33 13.43
N VAL A 209 0.55 12.96 12.58
CA VAL A 209 0.22 14.28 12.06
C VAL A 209 0.15 14.23 10.55
N GLY A 210 -0.59 15.17 9.98
CA GLY A 210 -0.68 15.27 8.54
C GLY A 210 -1.12 16.63 8.06
N ALA A 211 -1.01 16.81 6.75
CA ALA A 211 -1.30 18.08 6.11
C ALA A 211 -1.70 17.85 4.66
N VAL A 212 -2.61 18.67 4.15
CA VAL A 212 -3.00 18.70 2.75
C VAL A 212 -2.92 20.14 2.28
N VAL A 213 -2.69 20.34 0.98
CA VAL A 213 -2.48 21.70 0.49
C VAL A 213 -2.86 21.75 -0.98
N VAL A 214 -3.29 22.94 -1.42
CA VAL A 214 -3.52 23.26 -2.82
C VAL A 214 -2.92 24.65 -3.04
N ASP A 215 -2.33 24.88 -4.22
CA ASP A 215 -1.76 26.18 -4.59
C ASP A 215 -2.67 26.84 -5.62
N HIS A 216 -2.26 28.01 -6.12
CA HIS A 216 -3.24 28.86 -6.82
C HIS A 216 -3.67 28.27 -8.15
N GLU A 217 -2.85 27.43 -8.77
CA GLU A 217 -3.24 26.73 -10.00
C GLU A 217 -3.94 25.41 -9.73
N GLY A 218 -4.16 25.06 -8.47
CA GLY A 218 -4.93 23.87 -8.15
C GLY A 218 -4.14 22.57 -8.13
N ASN A 219 -2.82 22.66 -8.02
CA ASN A 219 -2.01 21.47 -7.77
C ASN A 219 -2.14 21.06 -6.31
N VAL A 220 -2.23 19.76 -6.04
CA VAL A 220 -2.42 19.33 -4.66
C VAL A 220 -1.29 18.44 -4.21
N ALA A 221 -1.18 18.30 -2.89
CA ALA A 221 -0.16 17.43 -2.29
C ALA A 221 -0.57 17.11 -0.87
N ALA A 222 0.04 16.07 -0.32
CA ALA A 222 -0.35 15.54 0.97
C ALA A 222 0.83 14.84 1.64
N ALA A 223 0.79 14.83 2.96
CA ALA A 223 1.78 14.10 3.70
C ALA A 223 1.23 13.71 5.07
N VAL A 224 1.93 12.78 5.71
CA VAL A 224 1.52 12.16 6.96
C VAL A 224 2.81 11.69 7.63
N SER A 225 2.95 11.91 8.95
CA SER A 225 4.10 11.38 9.69
C SER A 225 3.62 10.88 11.03
N SER A 226 4.09 9.72 11.45
CA SER A 226 3.66 9.13 12.71
C SER A 226 4.82 8.38 13.35
N GLY A 227 4.75 8.19 14.66
CA GLY A 227 5.68 7.33 15.35
C GLY A 227 5.09 6.01 15.71
N GLY A 228 3.82 5.76 15.34
CA GLY A 228 3.30 4.45 15.42
C GLY A 228 2.84 4.10 16.82
N LEU A 229 2.56 2.82 16.98
CA LEU A 229 1.91 2.33 18.17
C LEU A 229 2.96 2.18 19.26
N ALA A 230 2.69 2.76 20.42
CA ALA A 230 3.56 2.59 21.58
C ALA A 230 3.86 1.13 21.83
N LEU A 231 5.13 0.88 22.17
CA LEU A 231 5.71 -0.43 22.44
C LEU A 231 5.58 -1.39 21.28
N LYS A 232 5.39 -0.88 20.07
CA LYS A 232 5.27 -1.78 18.93
C LYS A 232 6.55 -2.58 18.74
N HIS A 233 6.42 -3.73 18.12
CA HIS A 233 7.60 -4.49 17.76
C HIS A 233 8.49 -3.67 16.84
N PRO A 234 9.80 -3.88 16.89
CA PRO A 234 10.69 -3.13 15.99
C PRO A 234 10.53 -3.58 14.54
N GLY A 235 10.59 -2.60 13.64
CA GLY A 235 10.33 -2.90 12.25
C GLY A 235 8.85 -2.95 11.89
N ARG A 236 7.95 -2.84 12.89
CA ARG A 236 6.54 -2.73 12.60
C ARG A 236 6.31 -1.47 11.81
N VAL A 237 5.65 -1.59 10.65
CA VAL A 237 5.33 -0.42 9.84
C VAL A 237 3.82 -0.30 9.75
N GLY A 238 3.38 0.95 9.82
CA GLY A 238 2.02 1.37 9.99
C GLY A 238 1.53 2.17 8.81
N GLN A 239 0.35 2.74 8.95
CA GLN A 239 -0.35 3.35 7.83
C GLN A 239 0.40 4.54 7.25
N ALA A 240 1.18 5.27 8.05
CA ALA A 240 1.78 6.49 7.52
C ALA A 240 2.96 6.20 6.59
N ALA A 241 3.33 4.94 6.40
CA ALA A 241 4.31 4.61 5.37
C ALA A 241 3.71 4.09 4.06
N LEU A 242 2.47 3.63 4.09
CA LEU A 242 1.94 2.70 3.09
C LEU A 242 1.17 3.44 2.01
N TYR A 243 1.60 3.22 0.77
CA TYR A 243 0.98 3.75 -0.42
C TYR A 243 -0.52 3.47 -0.43
N GLY A 244 -1.31 4.51 -0.72
CA GLY A 244 -2.74 4.46 -0.64
C GLY A 244 -3.35 4.66 0.74
N CYS A 245 -2.62 4.40 1.83
CA CYS A 245 -3.23 4.36 3.17
C CYS A 245 -3.08 5.69 3.90
N GLY A 246 -1.86 6.12 4.17
CA GLY A 246 -1.65 7.28 5.01
C GLY A 246 -2.01 8.62 4.37
N CYS A 247 -1.73 8.81 3.09
CA CYS A 247 -2.06 10.06 2.40
C CYS A 247 -2.33 9.78 0.92
N TRP A 248 -2.89 10.76 0.24
CA TRP A 248 -3.08 10.60 -1.19
C TRP A 248 -3.32 11.98 -1.78
N ALA A 249 -2.79 12.20 -2.98
CA ALA A 249 -3.05 13.46 -3.65
C ALA A 249 -3.03 13.31 -5.16
N GLU A 250 -4.02 13.92 -5.79
CA GLU A 250 -4.30 13.64 -7.19
C GLU A 250 -4.93 14.86 -7.81
N ASN A 251 -4.26 15.43 -8.81
CA ASN A 251 -4.87 16.50 -9.57
C ASN A 251 -5.97 16.00 -10.49
N THR A 252 -6.84 16.93 -10.90
CA THR A 252 -7.87 16.65 -11.88
C THR A 252 -7.28 15.98 -13.12
N GLY A 253 -8.11 15.17 -13.78
CA GLY A 253 -7.74 14.46 -14.98
C GLY A 253 -8.95 14.06 -15.77
N ALA A 254 -8.98 12.81 -16.25
CA ALA A 254 -10.16 12.22 -16.90
C ALA A 254 -10.96 11.36 -15.95
N HIS A 255 -10.36 10.89 -14.87
CA HIS A 255 -11.11 10.18 -13.84
C HIS A 255 -11.65 11.14 -12.78
N ASN A 256 -10.98 12.26 -12.59
CA ASN A 256 -11.29 13.17 -11.50
C ASN A 256 -11.72 14.52 -12.06
N PRO A 257 -12.98 14.91 -12.00
CA PRO A 257 -13.27 16.35 -12.14
C PRO A 257 -12.58 17.19 -11.08
N TYR A 258 -12.17 16.59 -9.96
CA TYR A 258 -11.61 17.34 -8.84
C TYR A 258 -10.14 17.00 -8.58
N SER A 259 -9.39 18.02 -8.16
CA SER A 259 -8.09 17.79 -7.50
C SER A 259 -8.36 17.53 -6.01
N THR A 260 -7.91 16.38 -5.51
CA THR A 260 -8.22 15.92 -4.17
C THR A 260 -6.94 15.63 -3.39
N ALA A 261 -6.98 15.89 -2.09
CA ALA A 261 -5.85 15.65 -1.20
C ALA A 261 -6.33 15.14 0.16
N VAL A 262 -5.73 14.05 0.64
CA VAL A 262 -6.20 13.40 1.85
C VAL A 262 -5.01 13.06 2.75
N SER A 263 -5.18 13.25 4.04
CA SER A 263 -4.24 12.76 5.01
C SER A 263 -5.02 12.13 6.14
N THR A 264 -4.52 11.04 6.68
CA THR A 264 -5.23 10.33 7.73
C THR A 264 -4.54 10.52 9.07
N SER A 265 -5.29 10.16 10.11
CA SER A 265 -4.83 10.16 11.47
C SER A 265 -5.31 8.90 12.17
N GLY A 266 -4.73 8.72 13.35
CA GLY A 266 -4.92 7.51 14.11
C GLY A 266 -3.77 6.58 13.88
N CYS A 267 -3.85 5.40 14.51
CA CYS A 267 -2.88 4.34 14.26
C CYS A 267 -3.67 3.08 13.99
N GLY A 268 -3.27 1.97 14.62
CA GLY A 268 -4.07 0.77 14.57
C GLY A 268 -4.15 0.28 13.13
N GLU A 269 -4.44 -1.00 12.98
CA GLU A 269 -4.36 -1.56 11.66
C GLU A 269 -5.48 -1.10 10.74
N HIS A 270 -6.62 -0.65 11.29
CA HIS A 270 -7.78 -0.46 10.44
C HIS A 270 -7.56 0.65 9.40
N LEU A 271 -6.58 1.54 9.62
CA LEU A 271 -6.17 2.48 8.57
C LEU A 271 -5.59 1.74 7.35
N VAL A 272 -4.66 0.79 7.58
CA VAL A 272 -3.99 0.12 6.47
C VAL A 272 -4.96 -0.84 5.77
N ARG A 273 -5.73 -1.61 6.55
CA ARG A 273 -6.63 -2.64 6.03
C ARG A 273 -7.69 -2.07 5.08
N THR A 274 -7.93 -0.75 5.12
CA THR A 274 -9.00 -0.12 4.34
C THR A 274 -8.51 0.81 3.23
N ILE A 275 -7.20 0.93 3.00
CA ILE A 275 -6.67 1.88 2.03
C ILE A 275 -7.40 3.21 2.12
N LEU A 276 -7.52 3.72 3.37
CA LEU A 276 -8.50 4.77 3.67
C LEU A 276 -8.26 6.01 2.82
N ALA A 277 -7.00 6.51 2.77
CA ALA A 277 -6.73 7.79 2.14
C ALA A 277 -7.15 7.81 0.68
N ARG A 278 -6.72 6.80 -0.06
CA ARG A 278 -7.08 6.69 -1.46
C ARG A 278 -8.57 6.48 -1.67
N GLU A 279 -9.21 5.64 -0.85
CA GLU A 279 -10.66 5.49 -0.93
C GLU A 279 -11.42 6.82 -0.73
N CYS A 280 -10.99 7.67 0.20
CA CYS A 280 -11.67 8.95 0.36
C CYS A 280 -11.54 9.79 -0.89
N SER A 281 -10.31 9.93 -1.38
CA SER A 281 -10.08 10.65 -2.63
C SER A 281 -11.00 10.13 -3.76
N HIS A 282 -11.18 8.80 -3.84
CA HIS A 282 -12.05 8.26 -4.89
C HIS A 282 -13.50 8.66 -4.65
N ALA A 283 -13.95 8.64 -3.39
CA ALA A 283 -15.33 9.03 -3.08
C ALA A 283 -15.57 10.51 -3.34
N LEU A 284 -14.55 11.32 -3.20
CA LEU A 284 -14.70 12.76 -3.33
C LEU A 284 -14.74 13.21 -4.77
N GLN A 285 -14.73 12.28 -5.71
CA GLN A 285 -15.06 12.69 -7.07
C GLN A 285 -16.56 12.86 -7.25
N ALA A 286 -17.36 12.35 -6.30
CA ALA A 286 -18.81 12.55 -6.33
C ALA A 286 -19.15 14.02 -6.10
N GLU A 287 -20.43 14.34 -6.21
CA GLU A 287 -20.87 15.73 -6.19
C GLU A 287 -20.83 16.30 -4.78
N ASP A 288 -21.37 15.56 -3.81
CA ASP A 288 -21.49 16.08 -2.45
C ASP A 288 -20.33 15.58 -1.60
N ALA A 289 -19.42 16.49 -1.25
CA ALA A 289 -18.21 16.08 -0.54
C ALA A 289 -18.56 15.55 0.86
N HIS A 290 -19.44 16.26 1.57
CA HIS A 290 -19.87 15.84 2.91
C HIS A 290 -20.46 14.43 2.87
N GLN A 291 -21.25 14.14 1.85
CA GLN A 291 -21.83 12.81 1.78
C GLN A 291 -20.77 11.77 1.43
N ALA A 292 -19.85 12.11 0.51
CA ALA A 292 -18.82 11.15 0.13
C ALA A 292 -17.97 10.77 1.32
N LEU A 293 -17.55 11.78 2.10
CA LEU A 293 -16.72 11.50 3.25
C LEU A 293 -17.50 10.71 4.27
N LEU A 294 -18.72 11.14 4.58
CA LEU A 294 -19.51 10.47 5.58
C LEU A 294 -19.82 9.02 5.19
N GLU A 295 -20.16 8.77 3.91
CA GLU A 295 -20.28 7.39 3.41
C GLU A 295 -19.01 6.59 3.62
N THR A 296 -17.85 7.16 3.30
CA THR A 296 -16.59 6.42 3.43
C THR A 296 -16.29 6.09 4.89
N MET A 297 -16.51 7.04 5.81
CA MET A 297 -16.22 6.79 7.24
C MET A 297 -17.18 5.75 7.83
N GLN A 298 -18.45 5.79 7.47
CA GLN A 298 -19.38 4.79 7.96
C GLN A 298 -19.21 3.45 7.22
N ASN A 299 -19.42 3.47 5.90
CA ASN A 299 -19.51 2.23 5.13
C ASN A 299 -18.19 1.50 4.93
N LYS A 300 -17.06 2.17 5.08
CA LYS A 300 -15.74 1.55 4.89
C LYS A 300 -14.83 1.60 6.12
N PHE A 301 -14.96 2.60 7.00
CA PHE A 301 -14.20 2.57 8.25
C PHE A 301 -14.91 1.69 9.28
N ILE A 302 -16.05 2.17 9.84
CA ILE A 302 -16.75 1.50 10.94
C ILE A 302 -17.31 0.13 10.55
N SER A 303 -17.45 -0.14 9.26
CA SER A 303 -17.89 -1.44 8.77
C SER A 303 -16.80 -2.07 7.90
N SER A 304 -16.41 -3.31 8.19
CA SER A 304 -15.41 -4.01 7.36
C SER A 304 -16.05 -4.59 6.08
N GLY A 312 -14.60 -1.81 17.29
CA GLY A 312 -14.25 -0.39 17.31
C GLY A 312 -13.17 0.03 16.34
N VAL A 313 -13.34 1.18 15.68
CA VAL A 313 -12.37 1.67 14.71
C VAL A 313 -12.09 3.14 15.00
N LEU A 314 -10.83 3.45 15.34
CA LEU A 314 -10.44 4.80 15.70
C LEU A 314 -9.57 5.43 14.61
N GLY A 315 -9.82 6.68 14.30
CA GLY A 315 -8.96 7.39 13.38
C GLY A 315 -9.63 8.60 12.79
N GLY A 316 -8.93 9.19 11.84
CA GLY A 316 -9.46 10.40 11.24
C GLY A 316 -8.85 10.60 9.87
N VAL A 317 -9.31 11.66 9.22
CA VAL A 317 -8.76 12.11 7.94
C VAL A 317 -8.98 13.60 7.88
N ILE A 318 -8.16 14.26 7.10
CA ILE A 318 -8.43 15.60 6.62
C ILE A 318 -8.47 15.50 5.11
N VAL A 319 -9.11 16.48 4.48
CA VAL A 319 -9.50 16.33 3.09
C VAL A 319 -9.64 17.72 2.50
N LEU A 320 -9.22 17.87 1.25
CA LEU A 320 -9.52 19.12 0.58
C LEU A 320 -9.66 18.81 -0.90
N ARG A 321 -10.42 19.65 -1.61
CA ARG A 321 -10.80 19.34 -2.97
C ARG A 321 -11.10 20.64 -3.68
N SER A 322 -10.52 20.83 -4.88
CA SER A 322 -10.60 22.07 -5.62
C SER A 322 -11.17 21.84 -7.01
N CYS A 323 -11.59 22.92 -7.65
CA CYS A 323 -12.13 22.92 -9.01
C CYS A 323 -12.47 24.35 -9.38
N ARG A 324 -12.45 24.63 -10.68
CA ARG A 324 -12.59 25.99 -11.16
C ARG A 324 -14.06 26.31 -11.40
N CYS A 325 -14.42 27.57 -11.14
CA CYS A 325 -15.79 28.01 -11.28
C CYS A 325 -16.05 28.72 -12.62
N THR A 337 -12.81 32.14 -9.00
CA THR A 337 -12.09 31.30 -9.96
C THR A 337 -11.90 29.87 -9.41
N LEU A 338 -11.09 29.72 -8.35
CA LEU A 338 -10.83 28.41 -7.77
C LEU A 338 -11.56 28.20 -6.44
N LEU A 339 -12.42 27.20 -6.40
CA LEU A 339 -13.18 26.81 -5.21
C LEU A 339 -12.50 25.62 -4.56
N VAL A 340 -12.23 25.70 -3.25
CA VAL A 340 -11.62 24.59 -2.50
C VAL A 340 -12.48 24.24 -1.28
N GLU A 341 -13.16 23.10 -1.34
CA GLU A 341 -13.87 22.56 -0.19
C GLU A 341 -12.95 21.71 0.66
N PHE A 342 -12.93 22.00 1.96
CA PHE A 342 -12.15 21.23 2.92
C PHE A 342 -13.06 20.68 4.00
N LEU A 343 -12.65 19.56 4.57
CA LEU A 343 -13.40 18.87 5.59
C LEU A 343 -12.46 18.05 6.42
N TRP A 344 -12.85 17.82 7.66
CA TRP A 344 -12.25 16.81 8.47
C TRP A 344 -13.30 15.89 9.04
N SER A 345 -12.88 14.74 9.53
CA SER A 345 -13.79 13.75 10.07
C SER A 345 -12.99 12.84 10.98
N HIS A 346 -13.63 12.29 12.03
CA HIS A 346 -12.92 11.36 12.88
C HIS A 346 -13.88 10.52 13.69
N THR A 347 -13.48 9.29 13.98
CA THR A 347 -14.18 8.48 14.96
C THR A 347 -13.60 8.55 16.37
N THR A 348 -12.57 9.34 16.59
CA THR A 348 -11.99 9.42 17.93
C THR A 348 -12.73 10.47 18.75
N GLU A 349 -12.40 10.52 20.05
CA GLU A 349 -13.01 11.54 20.90
C GLU A 349 -12.89 12.89 20.24
N SER A 350 -11.68 13.23 19.79
CA SER A 350 -11.45 14.59 19.36
C SER A 350 -10.25 14.62 18.42
N MET A 351 -10.05 15.77 17.80
CA MET A 351 -9.07 15.92 16.74
C MET A 351 -8.77 17.41 16.56
N CYS A 352 -7.50 17.78 16.60
CA CYS A 352 -7.12 19.17 16.47
C CYS A 352 -6.70 19.46 15.04
N VAL A 353 -7.27 20.49 14.43
CA VAL A 353 -6.94 20.88 13.07
C VAL A 353 -6.58 22.35 12.99
N GLY A 354 -5.90 22.73 11.90
CA GLY A 354 -5.73 24.12 11.54
C GLY A 354 -5.87 24.37 10.06
N TYR A 355 -6.42 25.50 9.63
CA TYR A 355 -6.50 25.83 8.22
C TYR A 355 -6.14 27.29 8.02
N MET A 356 -5.91 27.65 6.74
CA MET A 356 -5.43 28.98 6.41
C MET A 356 -5.37 29.18 4.92
N SER A 357 -5.77 30.38 4.49
CA SER A 357 -5.67 30.81 3.11
C SER A 357 -4.50 31.78 2.96
N ALA A 358 -4.05 31.95 1.70
CA ALA A 358 -3.01 32.93 1.38
C ALA A 358 -3.60 34.33 1.30
N GLN A 359 -4.83 34.45 0.82
CA GLN A 359 -5.50 35.75 0.81
C GLN A 359 -5.71 36.23 2.24
N ASP A 360 -6.35 35.42 3.07
CA ASP A 360 -6.67 35.77 4.45
C ASP A 360 -5.49 35.46 5.37
N GLY A 361 -5.16 36.40 6.23
CA GLY A 361 -3.96 36.25 7.02
C GLY A 361 -4.11 35.55 8.36
N LYS A 362 -5.33 35.26 8.76
CA LYS A 362 -5.56 34.66 10.06
C LYS A 362 -5.65 33.15 9.91
N ALA A 363 -4.80 32.43 10.65
CA ALA A 363 -4.90 30.98 10.75
C ALA A 363 -6.04 30.65 11.70
N LYS A 364 -7.07 30.01 11.17
CA LYS A 364 -8.09 29.46 12.03
C LYS A 364 -7.61 28.13 12.61
N THR A 365 -8.13 27.80 13.78
CA THR A 365 -7.75 26.63 14.56
C THR A 365 -8.98 26.14 15.30
N HIS A 366 -9.07 24.84 15.50
CA HIS A 366 -10.29 24.25 16.00
C HIS A 366 -9.97 22.92 16.64
N ILE A 367 -10.66 22.61 17.72
CA ILE A 367 -10.68 21.29 18.32
C ILE A 367 -12.04 20.72 17.98
N SER A 368 -12.07 19.60 17.27
CA SER A 368 -13.31 18.96 16.84
C SER A 368 -13.57 17.77 17.74
N ARG A 369 -14.71 17.77 18.44
CA ARG A 369 -15.02 16.76 19.44
C ARG A 369 -16.34 16.10 19.08
N LEU A 370 -16.41 14.80 19.32
CA LEU A 370 -17.66 14.09 19.15
C LEU A 370 -18.71 14.62 20.13
N PRO A 371 -19.98 14.50 19.79
CA PRO A 371 -21.01 15.04 20.66
C PRO A 371 -21.14 14.23 21.93
N PRO A 372 -21.57 14.86 23.02
CA PRO A 372 -21.84 14.11 24.25
C PRO A 372 -22.59 12.82 23.98
N GLY A 373 -22.19 11.78 24.68
CA GLY A 373 -22.94 10.54 24.59
C GLY A 373 -22.83 9.82 23.26
N ALA A 374 -21.76 10.04 22.50
CA ALA A 374 -21.41 9.12 21.43
C ALA A 374 -20.09 8.46 21.84
N VAL A 375 -20.03 7.15 21.72
CA VAL A 375 -18.83 6.43 22.09
C VAL A 375 -17.89 6.43 20.90
N ALA A 376 -16.62 6.68 21.19
CA ALA A 376 -15.61 6.71 20.14
C ALA A 376 -15.44 5.32 19.53
N GLY A 377 -15.21 5.30 18.21
CA GLY A 377 -15.04 4.08 17.47
C GLY A 377 -16.31 3.53 16.88
N GLN A 378 -17.46 3.98 17.37
CA GLN A 378 -18.77 3.57 16.88
C GLN A 378 -19.54 4.74 16.31
N SER A 379 -18.92 5.92 16.28
CA SER A 379 -19.57 7.17 15.91
C SER A 379 -18.59 8.02 15.12
N VAL A 380 -19.11 9.00 14.40
CA VAL A 380 -18.31 9.82 13.51
C VAL A 380 -18.75 11.28 13.59
N ALA A 381 -17.77 12.16 13.60
CA ALA A 381 -17.93 13.60 13.44
C ALA A 381 -17.33 14.07 12.12
N ILE A 382 -17.87 15.15 11.58
CA ILE A 382 -17.48 15.70 10.30
C ILE A 382 -17.82 17.17 10.22
N GLU A 383 -16.84 18.01 9.87
CA GLU A 383 -17.08 19.43 9.63
C GLU A 383 -16.10 19.93 8.57
N GLY A 384 -16.19 21.20 8.25
CA GLY A 384 -15.44 21.69 7.12
C GLY A 384 -16.06 22.93 6.55
N GLY A 385 -15.34 23.54 5.63
CA GLY A 385 -15.76 24.77 4.99
C GLY A 385 -15.36 24.89 3.54
N VAL A 386 -15.43 26.11 3.01
CA VAL A 386 -15.05 26.39 1.65
C VAL A 386 -14.27 27.69 1.64
N CYS A 387 -13.69 27.98 0.49
CA CYS A 387 -12.71 29.04 0.37
C CYS A 387 -12.58 29.32 -1.12
N ARG A 388 -12.38 30.57 -1.48
CA ARG A 388 -12.31 30.95 -2.88
C ARG A 388 -10.97 31.63 -3.17
N LEU A 389 -10.31 31.18 -4.23
CA LEU A 389 -9.03 31.71 -4.65
C LEU A 389 -9.11 32.13 -6.12
N GLU A 390 -8.10 32.90 -6.54
CA GLU A 390 -7.85 33.14 -7.98
C GLU A 390 -7.17 31.91 -8.64
N GLY B 15 -10.95 -31.65 -2.71
CA GLY B 15 -11.14 -30.71 -3.80
C GLY B 15 -10.30 -29.45 -3.63
N GLY B 16 -9.92 -28.82 -4.74
CA GLY B 16 -9.17 -27.58 -4.68
C GLY B 16 -8.54 -27.23 -6.00
N PHE B 17 -7.98 -26.01 -6.07
CA PHE B 17 -7.29 -25.54 -7.27
C PHE B 17 -6.25 -24.47 -6.93
N VAL B 18 -5.19 -24.45 -7.71
CA VAL B 18 -4.02 -23.63 -7.46
C VAL B 18 -3.44 -23.16 -8.79
N LEU B 19 -3.16 -21.88 -8.90
CA LEU B 19 -2.40 -21.33 -10.02
C LEU B 19 -1.17 -20.61 -9.45
N VAL B 20 -0.02 -20.82 -10.08
CA VAL B 20 1.22 -20.23 -9.63
C VAL B 20 1.96 -19.66 -10.82
N HIS B 21 2.95 -18.80 -10.56
CA HIS B 21 3.82 -18.32 -11.62
C HIS B 21 5.23 -18.15 -11.06
N ALA B 22 6.23 -18.39 -11.92
CA ALA B 22 7.63 -18.32 -11.50
C ALA B 22 8.34 -17.08 -12.03
N GLY B 23 7.66 -16.21 -12.74
CA GLY B 23 8.20 -14.90 -13.03
C GLY B 23 7.73 -14.43 -14.37
N ALA B 24 7.66 -13.12 -14.53
CA ALA B 24 7.36 -12.47 -15.80
C ALA B 24 8.47 -11.52 -16.17
N GLY B 25 9.24 -11.85 -17.17
CA GLY B 25 10.41 -11.04 -17.53
C GLY B 25 10.91 -11.44 -18.90
N TYR B 26 12.24 -11.38 -19.06
CA TYR B 26 12.90 -11.68 -20.33
C TYR B 26 12.86 -13.17 -20.64
N HIS B 27 12.59 -13.50 -21.90
CA HIS B 27 12.61 -14.90 -22.30
C HIS B 27 13.97 -15.53 -22.08
N SER B 28 13.95 -16.78 -21.60
CA SER B 28 15.15 -17.59 -21.42
C SER B 28 14.79 -19.04 -21.77
N GLU B 29 14.86 -19.36 -23.07
CA GLU B 29 14.87 -20.75 -23.50
C GLU B 29 15.90 -21.57 -22.72
N SER B 30 17.09 -20.99 -22.50
CA SER B 30 18.08 -21.61 -21.64
C SER B 30 17.42 -22.29 -20.44
N LYS B 31 16.69 -21.52 -19.62
CA LYS B 31 16.13 -21.99 -18.36
C LYS B 31 14.63 -22.20 -18.42
N ALA B 32 14.02 -21.94 -19.58
CA ALA B 32 12.57 -21.98 -19.66
C ALA B 32 11.99 -23.29 -19.14
N LYS B 33 12.73 -24.40 -19.26
CA LYS B 33 12.22 -25.66 -18.76
C LYS B 33 12.49 -25.86 -17.28
N GLU B 34 13.39 -25.08 -16.68
CA GLU B 34 13.55 -25.15 -15.22
C GLU B 34 12.36 -24.50 -14.51
N TYR B 35 11.85 -23.39 -15.06
CA TYR B 35 10.68 -22.73 -14.52
C TYR B 35 9.46 -23.63 -14.60
N LYS B 36 9.32 -24.37 -15.68
CA LYS B 36 8.21 -25.31 -15.78
C LYS B 36 8.29 -26.36 -14.70
N HIS B 37 9.48 -26.81 -14.37
CA HIS B 37 9.59 -27.86 -13.39
C HIS B 37 9.20 -27.36 -12.00
N VAL B 38 9.65 -26.15 -11.65
CA VAL B 38 9.38 -25.65 -10.30
C VAL B 38 7.91 -25.26 -10.15
N CYS B 39 7.30 -24.67 -11.19
CA CYS B 39 5.86 -24.44 -11.11
C CYS B 39 5.07 -25.74 -10.84
N LYS B 40 5.48 -26.85 -11.48
CA LYS B 40 4.82 -28.14 -11.25
C LYS B 40 4.90 -28.54 -9.78
N ARG B 41 6.12 -28.62 -9.25
CA ARG B 41 6.29 -28.97 -7.85
C ARG B 41 5.62 -27.96 -6.94
N ALA B 42 5.55 -26.69 -7.33
CA ALA B 42 4.83 -25.76 -6.46
C ALA B 42 3.33 -26.11 -6.40
N CYS B 43 2.71 -26.41 -7.56
CA CYS B 43 1.29 -26.76 -7.59
C CYS B 43 1.01 -28.03 -6.79
N GLN B 44 1.84 -29.05 -6.97
CA GLN B 44 1.64 -30.30 -6.24
C GLN B 44 1.72 -30.07 -4.73
N LYS B 45 2.78 -29.39 -4.27
CA LYS B 45 2.86 -29.01 -2.85
C LYS B 45 1.59 -28.34 -2.38
N ALA B 46 1.05 -27.41 -3.16
CA ALA B 46 -0.19 -26.76 -2.70
C ALA B 46 -1.37 -27.75 -2.67
N ILE B 47 -1.49 -28.65 -3.66
CA ILE B 47 -2.64 -29.55 -3.72
C ILE B 47 -2.55 -30.61 -2.63
N GLU B 48 -1.34 -31.08 -2.29
CA GLU B 48 -1.22 -31.98 -1.15
C GLU B 48 -1.78 -31.30 0.10
N LYS B 49 -1.26 -30.09 0.39
CA LYS B 49 -1.67 -29.33 1.57
C LYS B 49 -3.17 -29.23 1.67
N LEU B 50 -3.81 -28.76 0.60
CA LEU B 50 -5.27 -28.73 0.56
C LEU B 50 -5.86 -30.12 0.83
N GLN B 51 -5.43 -31.12 0.03
CA GLN B 51 -5.98 -32.49 0.11
C GLN B 51 -5.73 -33.11 1.48
N ALA B 52 -4.79 -32.57 2.25
CA ALA B 52 -4.60 -32.91 3.66
C ALA B 52 -5.46 -32.07 4.56
N GLY B 53 -6.27 -31.19 3.98
CA GLY B 53 -7.19 -30.41 4.78
C GLY B 53 -6.62 -29.14 5.38
N ALA B 54 -5.43 -28.72 4.97
CA ALA B 54 -4.84 -27.49 5.50
C ALA B 54 -5.55 -26.26 4.93
N LEU B 55 -5.23 -25.11 5.51
CA LEU B 55 -5.89 -23.89 5.07
C LEU B 55 -5.38 -23.42 3.71
N ALA B 56 -6.16 -22.57 3.07
CA ALA B 56 -5.77 -21.97 1.80
C ALA B 56 -4.45 -21.20 1.93
N THR B 57 -4.36 -20.31 2.93
CA THR B 57 -3.11 -19.57 3.16
C THR B 57 -1.93 -20.51 3.36
N ASP B 58 -2.16 -21.68 3.98
CA ASP B 58 -1.10 -22.67 4.12
C ASP B 58 -0.72 -23.26 2.76
N ALA B 59 -1.72 -23.61 1.97
CA ALA B 59 -1.42 -24.20 0.67
C ALA B 59 -0.73 -23.18 -0.22
N VAL B 60 -1.13 -21.91 -0.16
CA VAL B 60 -0.48 -20.91 -1.00
C VAL B 60 0.96 -20.68 -0.51
N THR B 61 1.17 -20.73 0.81
CA THR B 61 2.54 -20.58 1.32
C THR B 61 3.44 -21.72 0.88
N ALA B 62 2.89 -22.94 0.75
CA ALA B 62 3.65 -24.09 0.23
C ALA B 62 4.11 -23.88 -1.21
N ALA B 63 3.16 -23.58 -2.10
CA ALA B 63 3.55 -23.15 -3.43
C ALA B 63 4.71 -22.14 -3.40
N LEU B 64 4.65 -21.14 -2.53
CA LEU B 64 5.66 -20.08 -2.62
C LEU B 64 7.00 -20.51 -2.06
N VAL B 65 7.02 -21.27 -0.97
CA VAL B 65 8.30 -21.80 -0.51
C VAL B 65 9.03 -22.52 -1.64
N GLU B 66 8.27 -23.27 -2.46
CA GLU B 66 8.88 -24.07 -3.52
C GLU B 66 9.41 -23.19 -4.65
N LEU B 67 8.63 -22.20 -5.06
CA LEU B 67 9.12 -21.27 -6.08
C LEU B 67 10.31 -20.45 -5.59
N GLU B 68 10.26 -19.99 -4.33
CA GLU B 68 11.39 -19.21 -3.79
C GLU B 68 12.66 -20.03 -3.84
N ASP B 69 12.58 -21.31 -3.45
CA ASP B 69 13.77 -22.13 -3.35
C ASP B 69 14.46 -22.36 -4.68
N SER B 70 13.76 -22.21 -5.79
CA SER B 70 14.43 -22.31 -7.07
C SER B 70 15.54 -21.26 -7.15
N PRO B 71 16.78 -21.67 -7.42
CA PRO B 71 17.85 -20.70 -7.69
C PRO B 71 17.56 -19.75 -8.84
N PHE B 72 16.67 -20.11 -9.77
CA PHE B 72 16.39 -19.33 -10.96
C PHE B 72 15.31 -18.27 -10.72
N THR B 73 14.66 -18.25 -9.57
CA THR B 73 13.59 -17.28 -9.31
C THR B 73 14.10 -16.11 -8.47
N ASN B 74 13.77 -14.89 -8.90
CA ASN B 74 14.08 -13.69 -8.16
C ASN B 74 13.29 -13.62 -6.86
N ALA B 75 13.64 -14.49 -5.94
CA ALA B 75 12.94 -14.65 -4.69
C ALA B 75 13.67 -15.67 -3.84
N GLY B 76 13.76 -15.44 -2.54
CA GLY B 76 14.45 -16.37 -1.69
C GLY B 76 15.86 -16.61 -2.20
N MET B 77 16.29 -17.86 -2.15
CA MET B 77 17.52 -18.28 -2.78
C MET B 77 17.54 -17.83 -4.24
N GLY B 78 18.60 -17.14 -4.63
CA GLY B 78 18.74 -16.70 -5.99
C GLY B 78 18.27 -15.28 -6.23
N SER B 79 17.72 -14.62 -5.20
CA SER B 79 17.27 -13.24 -5.36
C SER B 79 18.43 -12.39 -5.87
N ASN B 80 18.11 -11.34 -6.61
CA ASN B 80 19.09 -10.33 -6.95
C ASN B 80 19.76 -9.79 -5.71
N LEU B 81 21.02 -9.43 -5.87
CA LEU B 81 21.76 -8.75 -4.86
C LEU B 81 21.52 -7.25 -4.93
N ASN B 82 21.48 -6.62 -3.76
CA ASN B 82 21.28 -5.17 -3.71
C ASN B 82 22.60 -4.45 -3.98
N LEU B 83 22.62 -3.13 -3.82
CA LEU B 83 23.83 -2.35 -4.00
C LEU B 83 25.00 -2.86 -3.17
N LEU B 84 24.73 -3.42 -1.98
CA LEU B 84 25.76 -3.91 -1.08
C LEU B 84 26.08 -5.39 -1.27
N GLY B 85 25.69 -5.96 -2.41
CA GLY B 85 25.89 -7.38 -2.65
C GLY B 85 25.19 -8.27 -1.64
N GLU B 86 24.04 -7.81 -1.11
CA GLU B 86 23.23 -8.56 -0.16
C GLU B 86 21.81 -8.83 -0.72
N ILE B 87 21.19 -9.84 -0.11
CA ILE B 87 19.85 -10.29 -0.48
C ILE B 87 18.87 -9.73 0.53
N GLU B 88 17.92 -8.95 0.03
CA GLU B 88 16.87 -8.31 0.82
C GLU B 88 15.52 -8.55 0.17
N CYS B 89 14.62 -9.21 0.90
CA CYS B 89 13.41 -9.80 0.31
C CYS B 89 12.11 -9.14 0.73
N ASP B 90 11.11 -9.23 -0.15
CA ASP B 90 9.78 -8.74 0.14
C ASP B 90 8.79 -9.87 -0.10
N ALA B 91 7.77 -9.93 0.75
CA ALA B 91 6.75 -10.95 0.54
C ALA B 91 5.50 -10.56 1.27
N SER B 92 4.38 -11.13 0.82
CA SER B 92 3.10 -10.83 1.42
C SER B 92 2.08 -11.87 1.02
N ILE B 93 1.12 -12.03 1.90
CA ILE B 93 0.06 -13.02 1.78
C ILE B 93 -1.21 -12.43 2.38
N MET B 94 -2.35 -12.94 1.91
CA MET B 94 -3.65 -12.42 2.32
C MET B 94 -4.69 -13.53 2.25
N ASP B 95 -5.60 -13.56 3.19
CA ASP B 95 -6.55 -14.64 3.34
C ASP B 95 -7.94 -14.13 2.97
N GLY B 96 -8.66 -14.92 2.17
CA GLY B 96 -9.94 -14.47 1.66
C GLY B 96 -11.02 -14.49 2.72
N LYS B 97 -11.03 -15.52 3.56
CA LYS B 97 -12.08 -15.64 4.55
C LYS B 97 -12.00 -14.51 5.57
N SER B 98 -10.81 -14.27 6.13
CA SER B 98 -10.65 -13.29 7.19
C SER B 98 -10.30 -11.89 6.70
N LEU B 99 -9.83 -11.73 5.47
CA LEU B 99 -9.21 -10.50 4.97
C LEU B 99 -7.99 -10.06 5.76
N ASN B 100 -7.38 -10.96 6.51
CA ASN B 100 -6.14 -10.70 7.19
C ASN B 100 -4.94 -10.87 6.27
N PHE B 101 -3.83 -10.25 6.66
CA PHE B 101 -2.74 -9.95 5.76
C PHE B 101 -1.45 -10.06 6.51
N GLY B 102 -0.43 -10.56 5.84
CA GLY B 102 0.90 -10.62 6.42
C GLY B 102 1.91 -10.23 5.38
N ALA B 103 3.02 -9.64 5.84
CA ALA B 103 3.98 -9.02 4.94
C ALA B 103 5.32 -8.73 5.61
N VAL B 104 6.37 -8.91 4.86
CA VAL B 104 7.71 -8.59 5.31
C VAL B 104 8.34 -7.75 4.25
N GLY B 105 9.17 -6.83 4.67
CA GLY B 105 9.92 -5.99 3.75
C GLY B 105 11.38 -6.00 4.11
N ALA B 106 12.22 -5.95 3.09
CA ALA B 106 13.68 -5.85 3.24
C ALA B 106 14.22 -6.85 4.25
N LEU B 107 13.88 -8.11 4.05
CA LEU B 107 14.21 -9.13 5.02
C LEU B 107 15.45 -9.88 4.54
N SER B 108 16.42 -9.99 5.42
CA SER B 108 17.71 -10.57 5.10
C SER B 108 17.94 -11.81 5.96
N GLY B 109 18.62 -12.78 5.36
CA GLY B 109 19.00 -13.92 6.16
C GLY B 109 17.85 -14.74 6.63
N ILE B 110 16.72 -14.72 5.93
CA ILE B 110 15.67 -15.71 6.13
C ILE B 110 15.45 -16.44 4.82
N LYS B 111 15.52 -17.77 4.89
CA LYS B 111 15.47 -18.56 3.67
C LYS B 111 14.20 -18.28 2.86
N ASN B 112 13.03 -18.37 3.52
CA ASN B 112 11.72 -18.26 2.89
C ASN B 112 10.94 -17.09 3.49
N PRO B 113 10.99 -15.94 2.87
CA PRO B 113 10.22 -14.81 3.40
C PRO B 113 8.73 -15.13 3.55
N VAL B 114 8.07 -15.74 2.54
CA VAL B 114 6.63 -16.01 2.59
C VAL B 114 6.25 -16.69 3.90
N SER B 115 7.17 -17.47 4.46
CA SER B 115 6.94 -18.09 5.76
C SER B 115 6.78 -17.05 6.87
N VAL B 116 7.67 -16.07 6.93
CA VAL B 116 7.46 -15.01 7.91
C VAL B 116 6.09 -14.37 7.72
N ALA B 117 5.74 -14.12 6.45
CA ALA B 117 4.51 -13.40 6.16
C ALA B 117 3.30 -14.22 6.55
N ASN B 118 3.36 -15.53 6.33
CA ASN B 118 2.28 -16.41 6.72
C ASN B 118 2.14 -16.46 8.22
N ARG B 119 3.26 -16.65 8.92
CA ARG B 119 3.21 -16.69 10.38
C ARG B 119 2.66 -15.38 10.94
N LEU B 120 3.13 -14.25 10.43
CA LEU B 120 2.52 -12.98 10.81
C LEU B 120 1.02 -12.98 10.62
N LEU B 121 0.51 -13.69 9.60
CA LEU B 121 -0.92 -13.77 9.34
C LEU B 121 -1.62 -14.69 10.36
N CYS B 122 -1.08 -15.87 10.63
CA CYS B 122 -1.73 -16.75 11.62
C CYS B 122 -1.64 -16.12 13.02
N GLU B 123 -0.51 -15.48 13.36
CA GLU B 123 -0.45 -14.69 14.59
C GLU B 123 -1.63 -13.73 14.68
N GLY B 124 -1.90 -13.01 13.60
CA GLY B 124 -2.98 -12.02 13.60
C GLY B 124 -4.35 -12.60 13.73
N GLN B 125 -4.50 -13.91 13.52
CA GLN B 125 -5.80 -14.56 13.52
C GLN B 125 -6.19 -15.13 14.88
N LYS B 126 -5.59 -14.65 15.96
CA LYS B 126 -5.83 -15.22 17.29
C LYS B 126 -6.12 -14.13 18.31
N ILE B 134 -3.86 -5.93 19.11
CA ILE B 134 -3.90 -6.07 17.65
C ILE B 134 -2.48 -6.39 17.10
N PRO B 135 -2.24 -7.66 16.79
CA PRO B 135 -0.86 -8.11 16.46
C PRO B 135 -0.28 -7.36 15.28
N PRO B 136 1.04 -7.38 15.12
CA PRO B 136 1.64 -6.81 13.93
C PRO B 136 1.28 -7.62 12.69
N CYS B 137 1.10 -6.93 11.58
CA CYS B 137 0.90 -7.56 10.29
C CYS B 137 1.94 -7.23 9.23
N PHE B 138 2.78 -6.22 9.42
CA PHE B 138 3.81 -5.83 8.44
C PHE B 138 5.08 -5.48 9.19
N LEU B 139 6.12 -6.29 9.04
CA LEU B 139 7.42 -6.04 9.63
C LEU B 139 8.52 -5.97 8.57
N VAL B 140 9.55 -5.13 8.81
CA VAL B 140 10.62 -4.86 7.87
C VAL B 140 11.99 -4.91 8.55
N GLY B 141 13.02 -5.03 7.71
CA GLY B 141 14.42 -5.08 8.11
C GLY B 141 14.71 -5.95 9.31
N GLU B 142 15.72 -5.52 10.07
CA GLU B 142 16.15 -6.20 11.28
C GLU B 142 15.00 -6.51 12.23
N GLY B 143 14.04 -5.60 12.36
CA GLY B 143 12.87 -5.93 13.15
C GLY B 143 12.22 -7.21 12.64
N ALA B 144 12.06 -7.29 11.32
CA ALA B 144 11.42 -8.45 10.72
C ALA B 144 12.28 -9.68 10.92
N TYR B 145 13.59 -9.49 10.90
CA TYR B 145 14.52 -10.62 11.00
C TYR B 145 14.45 -11.24 12.40
N ARG B 146 14.51 -10.41 13.45
CA ARG B 146 14.49 -10.92 14.82
C ARG B 146 13.15 -11.57 15.16
N TRP B 147 12.04 -10.87 14.90
CA TRP B 147 10.72 -11.48 15.00
C TRP B 147 10.70 -12.86 14.36
N ALA B 148 11.24 -12.96 13.14
CA ALA B 148 11.19 -14.23 12.44
C ALA B 148 11.95 -15.30 13.20
N VAL B 149 13.11 -14.96 13.76
CA VAL B 149 13.88 -15.97 14.48
C VAL B 149 13.24 -16.29 15.83
N ASP B 150 12.70 -15.28 16.52
CA ASP B 150 12.02 -15.56 17.78
C ASP B 150 10.77 -16.43 17.60
N HIS B 151 10.29 -16.62 16.37
CA HIS B 151 9.13 -17.48 16.10
C HIS B 151 9.51 -18.79 15.46
N GLY B 152 10.80 -19.11 15.42
CA GLY B 152 11.26 -20.38 14.89
C GLY B 152 11.25 -20.52 13.38
N ILE B 153 11.95 -19.64 12.68
CA ILE B 153 11.99 -19.71 11.22
C ILE B 153 13.45 -19.72 10.78
N PRO B 154 13.84 -20.64 9.89
CA PRO B 154 15.26 -20.81 9.56
C PRO B 154 15.94 -19.55 9.06
N SER B 155 17.26 -19.53 9.23
CA SER B 155 18.15 -18.43 8.86
C SER B 155 18.77 -18.72 7.48
N CYS B 156 19.79 -17.90 7.13
CA CYS B 156 20.53 -17.92 5.88
C CYS B 156 19.66 -18.03 4.62
N THR B 208 10.38 -12.10 -8.82
CA THR B 208 9.04 -12.26 -8.24
C THR B 208 8.29 -13.53 -8.67
N VAL B 209 7.71 -14.20 -7.65
CA VAL B 209 6.91 -15.39 -7.78
C VAL B 209 5.60 -15.22 -7.02
N GLY B 210 4.61 -16.02 -7.39
CA GLY B 210 3.27 -15.81 -6.87
C GLY B 210 2.37 -17.02 -7.03
N ALA B 211 1.37 -17.08 -6.16
CA ALA B 211 0.42 -18.17 -6.16
C ALA B 211 -0.95 -17.65 -5.73
N VAL B 212 -2.01 -18.23 -6.30
CA VAL B 212 -3.39 -17.99 -5.81
C VAL B 212 -4.11 -19.33 -5.71
N VAL B 213 -4.99 -19.45 -4.74
CA VAL B 213 -5.57 -20.72 -4.35
C VAL B 213 -7.03 -20.55 -3.96
N VAL B 214 -7.82 -21.59 -4.25
CA VAL B 214 -9.15 -21.77 -3.69
C VAL B 214 -9.24 -23.20 -3.19
N ASP B 215 -9.87 -23.38 -2.05
CA ASP B 215 -10.13 -24.70 -1.50
C ASP B 215 -11.51 -25.18 -1.91
N HIS B 216 -11.83 -26.42 -1.54
CA HIS B 216 -13.07 -27.03 -2.03
C HIS B 216 -14.30 -26.32 -1.49
N GLU B 217 -14.15 -25.39 -0.55
CA GLU B 217 -15.29 -24.65 -0.02
C GLU B 217 -15.45 -23.25 -0.58
N GLY B 218 -14.55 -22.78 -1.44
CA GLY B 218 -14.61 -21.42 -1.93
C GLY B 218 -13.71 -20.42 -1.21
N ASN B 219 -12.93 -20.87 -0.23
CA ASN B 219 -11.98 -19.94 0.41
C ASN B 219 -10.77 -19.69 -0.46
N VAL B 220 -10.49 -18.42 -0.73
CA VAL B 220 -9.33 -18.05 -1.54
C VAL B 220 -8.24 -17.47 -0.65
N ALA B 221 -7.01 -17.62 -1.10
CA ALA B 221 -5.82 -17.05 -0.51
C ALA B 221 -4.90 -16.68 -1.65
N ALA B 222 -4.02 -15.69 -1.43
CA ALA B 222 -3.01 -15.27 -2.40
C ALA B 222 -1.71 -14.87 -1.73
N ALA B 223 -0.62 -14.93 -2.51
CA ALA B 223 0.70 -14.63 -1.96
C ALA B 223 1.70 -14.27 -3.06
N VAL B 224 2.80 -13.63 -2.66
CA VAL B 224 3.78 -13.08 -3.59
C VAL B 224 5.07 -12.84 -2.82
N SER B 225 6.20 -12.97 -3.51
CA SER B 225 7.49 -12.95 -2.84
C SER B 225 8.52 -12.58 -3.89
N SER B 226 9.32 -11.56 -3.61
CA SER B 226 10.27 -11.04 -4.58
C SER B 226 11.62 -10.72 -3.95
N GLY B 227 12.62 -10.73 -4.77
CA GLY B 227 13.94 -10.24 -4.47
C GLY B 227 14.13 -8.80 -4.87
N GLY B 228 13.12 -8.21 -5.50
CA GLY B 228 13.18 -6.82 -5.87
C GLY B 228 14.20 -6.53 -6.97
N LEU B 229 14.38 -5.24 -7.25
CA LEU B 229 15.33 -4.77 -8.26
C LEU B 229 16.79 -5.07 -7.94
N ALA B 230 17.51 -5.47 -8.99
CA ALA B 230 18.94 -5.67 -8.88
C ALA B 230 19.65 -4.36 -8.53
N LEU B 231 20.59 -4.46 -7.58
CA LEU B 231 21.39 -3.30 -7.11
C LEU B 231 20.56 -2.19 -6.49
N LYS B 232 19.36 -2.55 -5.99
CA LYS B 232 18.48 -1.60 -5.30
C LYS B 232 19.17 -1.09 -4.05
N HIS B 233 18.79 0.12 -3.64
CA HIS B 233 19.41 0.67 -2.43
C HIS B 233 19.02 -0.20 -1.25
N PRO B 234 19.88 -0.31 -0.25
CA PRO B 234 19.51 -1.09 0.93
C PRO B 234 18.27 -0.50 1.60
N GLY B 235 17.45 -1.39 2.16
CA GLY B 235 16.18 -1.01 2.72
C GLY B 235 15.07 -0.64 1.76
N ARG B 236 15.24 -0.78 0.46
CA ARG B 236 14.24 -0.36 -0.50
C ARG B 236 13.23 -1.48 -0.64
N VAL B 237 11.96 -1.15 -0.41
CA VAL B 237 10.84 -2.08 -0.33
C VAL B 237 9.92 -1.80 -1.50
N GLY B 238 9.50 -2.87 -2.20
CA GLY B 238 8.70 -2.76 -3.41
C GLY B 238 7.30 -3.41 -3.31
N GLN B 239 6.65 -3.65 -4.48
CA GLN B 239 5.21 -3.91 -4.50
C GLN B 239 4.84 -5.19 -3.72
N ALA B 240 5.72 -6.18 -3.73
CA ALA B 240 5.40 -7.45 -3.10
C ALA B 240 5.24 -7.36 -1.59
N ALA B 241 5.69 -6.26 -0.98
CA ALA B 241 5.54 -6.16 0.45
C ALA B 241 4.26 -5.42 0.85
N LEU B 242 3.55 -4.79 -0.07
CA LEU B 242 2.53 -3.80 0.20
C LEU B 242 1.11 -4.28 0.04
N TYR B 243 0.31 -4.02 1.06
CA TYR B 243 -1.11 -4.26 1.07
C TYR B 243 -1.76 -3.74 -0.21
N GLY B 244 -2.54 -4.61 -0.85
CA GLY B 244 -3.30 -4.23 -2.03
C GLY B 244 -2.55 -4.21 -3.34
N CYS B 245 -1.21 -4.23 -3.31
CA CYS B 245 -0.42 -4.06 -4.54
C CYS B 245 0.10 -5.41 -5.03
N GLY B 246 0.88 -6.11 -4.21
CA GLY B 246 1.45 -7.37 -4.64
C GLY B 246 0.47 -8.53 -4.73
N CYS B 247 -0.52 -8.59 -3.84
CA CYS B 247 -1.41 -9.74 -3.87
C CYS B 247 -2.71 -9.31 -3.24
N TRP B 248 -3.78 -10.10 -3.44
CA TRP B 248 -5.08 -9.76 -2.84
C TRP B 248 -5.98 -10.96 -2.90
N ALA B 249 -6.85 -11.06 -1.91
CA ALA B 249 -7.70 -12.22 -1.71
C ALA B 249 -8.95 -11.78 -0.99
N GLU B 250 -10.11 -12.13 -1.55
CA GLU B 250 -11.36 -11.64 -0.99
C GLU B 250 -12.51 -12.57 -1.34
N ASN B 251 -12.98 -13.29 -0.31
CA ASN B 251 -14.06 -14.25 -0.46
C ASN B 251 -15.35 -13.53 -0.85
N THR B 252 -16.21 -14.25 -1.59
CA THR B 252 -17.58 -13.82 -1.83
C THR B 252 -18.13 -13.05 -0.64
N GLY B 253 -18.61 -11.84 -0.92
CA GLY B 253 -19.18 -10.99 0.09
C GLY B 253 -20.33 -10.19 -0.48
N ALA B 254 -21.04 -9.50 0.42
CA ALA B 254 -22.23 -8.74 0.08
C ALA B 254 -22.06 -7.99 -1.23
N HIS B 255 -20.87 -7.39 -1.42
CA HIS B 255 -20.52 -6.65 -2.61
C HIS B 255 -19.57 -7.42 -3.54
N ASN B 256 -19.17 -8.62 -3.17
CA ASN B 256 -18.39 -9.46 -4.07
C ASN B 256 -19.20 -10.72 -4.36
N PRO B 257 -19.85 -10.81 -5.51
CA PRO B 257 -20.50 -12.08 -5.85
C PRO B 257 -19.50 -13.20 -6.07
N TYR B 258 -18.27 -12.86 -6.41
CA TYR B 258 -17.22 -13.83 -6.64
C TYR B 258 -16.16 -13.75 -5.55
N SER B 259 -15.63 -14.90 -5.15
CA SER B 259 -14.39 -14.96 -4.40
C SER B 259 -13.20 -14.80 -5.34
N THR B 260 -12.29 -13.87 -5.04
CA THR B 260 -11.22 -13.50 -5.97
C THR B 260 -9.87 -13.52 -5.26
N ALA B 261 -8.84 -13.81 -6.04
CA ALA B 261 -7.46 -13.86 -5.60
C ALA B 261 -6.58 -13.33 -6.73
N VAL B 262 -5.57 -12.53 -6.36
CA VAL B 262 -4.63 -11.92 -7.30
C VAL B 262 -3.23 -11.94 -6.71
N SER B 263 -2.25 -12.23 -7.55
CA SER B 263 -0.82 -12.10 -7.28
C SER B 263 -0.21 -11.44 -8.48
N THR B 264 0.55 -10.40 -8.25
CA THR B 264 1.10 -9.60 -9.34
C THR B 264 2.62 -9.74 -9.32
N SER B 265 3.23 -9.20 -10.38
CA SER B 265 4.67 -9.19 -10.60
C SER B 265 5.01 -7.92 -11.34
N GLY B 266 6.00 -7.20 -10.80
CA GLY B 266 6.47 -5.96 -11.38
C GLY B 266 7.86 -6.18 -11.94
N CYS B 267 8.29 -5.23 -12.74
CA CYS B 267 9.54 -5.43 -13.49
C CYS B 267 10.13 -4.07 -13.86
N GLY B 268 11.38 -3.86 -13.46
CA GLY B 268 12.08 -2.62 -13.73
C GLY B 268 11.71 -1.54 -12.75
N GLU B 269 12.57 -0.50 -12.70
CA GLU B 269 12.29 0.62 -11.82
C GLU B 269 10.94 1.25 -12.14
N HIS B 270 10.52 1.18 -13.40
CA HIS B 270 9.20 1.59 -13.85
C HIS B 270 8.15 0.57 -13.40
N LEU B 271 7.26 0.98 -12.50
CA LEU B 271 6.31 0.05 -11.92
C LEU B 271 4.96 0.72 -11.80
N VAL B 272 3.90 -0.08 -11.89
CA VAL B 272 2.56 0.47 -11.79
C VAL B 272 2.44 1.27 -10.51
N ARG B 273 1.73 2.39 -10.61
CA ARG B 273 1.40 3.20 -9.46
C ARG B 273 -0.11 3.14 -9.23
N THR B 274 -0.60 1.94 -8.95
CA THR B 274 -1.94 1.73 -8.42
C THR B 274 -1.84 0.59 -7.43
N ILE B 275 -2.95 0.36 -6.75
CA ILE B 275 -3.09 -0.81 -5.91
C ILE B 275 -3.41 -1.99 -6.85
N LEU B 276 -2.45 -2.36 -7.72
CA LEU B 276 -2.73 -3.30 -8.81
C LEU B 276 -3.55 -4.51 -8.34
N ALA B 277 -3.03 -5.31 -7.40
CA ALA B 277 -3.79 -6.51 -7.01
C ALA B 277 -5.22 -6.17 -6.64
N ARG B 278 -5.42 -5.12 -5.83
CA ARG B 278 -6.78 -4.81 -5.45
C ARG B 278 -7.61 -4.35 -6.64
N GLU B 279 -7.01 -3.57 -7.54
CA GLU B 279 -7.73 -3.13 -8.73
C GLU B 279 -8.20 -4.34 -9.53
N CYS B 280 -7.33 -5.34 -9.71
CA CYS B 280 -7.73 -6.48 -10.53
C CYS B 280 -8.86 -7.26 -9.88
N SER B 281 -8.87 -7.33 -8.55
CA SER B 281 -9.95 -8.04 -7.85
C SER B 281 -11.28 -7.30 -8.02
N HIS B 282 -11.26 -5.98 -7.99
CA HIS B 282 -12.49 -5.22 -8.19
C HIS B 282 -12.96 -5.36 -9.65
N ALA B 283 -12.01 -5.25 -10.59
CA ALA B 283 -12.29 -5.44 -12.02
C ALA B 283 -12.96 -6.78 -12.31
N LEU B 284 -12.47 -7.84 -11.67
CA LEU B 284 -13.02 -9.18 -11.82
C LEU B 284 -14.37 -9.38 -11.18
N GLN B 285 -15.02 -8.32 -10.68
CA GLN B 285 -16.40 -8.44 -10.27
C GLN B 285 -17.37 -8.16 -11.41
N ALA B 286 -16.88 -7.71 -12.56
CA ALA B 286 -17.68 -7.62 -13.77
C ALA B 286 -18.08 -9.03 -14.23
N GLU B 287 -18.96 -9.08 -15.24
CA GLU B 287 -19.47 -10.38 -15.68
C GLU B 287 -18.49 -11.16 -16.54
N ASP B 288 -17.74 -10.50 -17.44
CA ASP B 288 -16.83 -11.21 -18.37
C ASP B 288 -15.38 -11.04 -17.90
N ALA B 289 -14.88 -12.06 -17.20
CA ALA B 289 -13.57 -11.96 -16.56
C ALA B 289 -12.48 -11.67 -17.56
N HIS B 290 -12.47 -12.42 -18.66
CA HIS B 290 -11.38 -12.28 -19.62
C HIS B 290 -11.29 -10.86 -20.13
N GLN B 291 -12.39 -10.34 -20.67
CA GLN B 291 -12.39 -8.92 -21.02
C GLN B 291 -12.07 -8.00 -19.81
N ALA B 292 -12.50 -8.39 -18.60
CA ALA B 292 -12.36 -7.54 -17.42
C ALA B 292 -10.90 -7.33 -17.07
N LEU B 293 -10.11 -8.41 -17.09
CA LEU B 293 -8.70 -8.29 -16.72
C LEU B 293 -7.87 -7.70 -17.85
N LEU B 294 -8.27 -7.94 -19.10
CA LEU B 294 -7.56 -7.40 -20.26
C LEU B 294 -7.62 -5.88 -20.29
N GLU B 295 -8.76 -5.30 -19.89
CA GLU B 295 -8.89 -3.85 -19.86
C GLU B 295 -8.09 -3.25 -18.72
N THR B 296 -8.09 -3.91 -17.56
CA THR B 296 -7.25 -3.45 -16.47
C THR B 296 -5.81 -3.34 -16.93
N MET B 297 -5.27 -4.45 -17.43
CA MET B 297 -3.89 -4.47 -17.91
C MET B 297 -3.62 -3.40 -18.94
N GLN B 298 -4.54 -3.23 -19.89
CA GLN B 298 -4.34 -2.18 -20.89
C GLN B 298 -4.22 -0.83 -20.21
N ASN B 299 -5.07 -0.58 -19.20
CA ASN B 299 -5.11 0.74 -18.58
C ASN B 299 -3.88 0.96 -17.69
N LYS B 300 -3.53 -0.01 -16.85
CA LYS B 300 -2.55 0.20 -15.79
C LYS B 300 -1.11 0.10 -16.31
N PHE B 301 -0.82 -0.84 -17.21
CA PHE B 301 0.53 -1.10 -17.69
C PHE B 301 0.93 -0.27 -18.91
N ILE B 302 0.08 -0.25 -19.94
CA ILE B 302 0.32 0.44 -21.20
C ILE B 302 -0.25 1.85 -21.08
N SER B 303 -1.58 1.92 -21.00
CA SER B 303 -2.31 3.14 -21.32
C SER B 303 -1.95 4.27 -20.36
N SER B 304 -2.20 4.08 -19.06
CA SER B 304 -1.98 5.18 -18.13
C SER B 304 -0.58 5.78 -18.27
N PRO B 305 0.51 4.99 -18.31
CA PRO B 305 1.87 5.51 -18.58
C PRO B 305 2.10 5.85 -20.07
N ALA B 308 0.67 9.14 -19.94
CA ALA B 308 1.41 10.35 -20.29
C ALA B 308 2.94 10.19 -20.10
N SER B 309 3.63 9.95 -21.23
CA SER B 309 5.09 10.10 -21.36
C SER B 309 5.87 9.25 -20.35
N GLU B 310 5.71 7.93 -20.51
CA GLU B 310 6.56 6.94 -19.86
C GLU B 310 6.46 5.67 -20.70
N ASP B 311 7.42 4.79 -20.50
CA ASP B 311 7.40 3.55 -21.28
C ASP B 311 6.44 2.54 -20.67
N GLY B 312 6.13 1.53 -21.47
CA GLY B 312 5.23 0.48 -21.02
C GLY B 312 5.75 -0.15 -19.73
N VAL B 313 4.81 -0.51 -18.86
CA VAL B 313 5.16 -1.15 -17.60
C VAL B 313 5.24 -2.65 -17.83
N LEU B 314 6.34 -3.23 -17.40
CA LEU B 314 6.59 -4.64 -17.54
C LEU B 314 6.06 -5.38 -16.32
N GLY B 315 5.11 -6.26 -16.52
CA GLY B 315 4.59 -6.99 -15.38
C GLY B 315 3.75 -8.17 -15.78
N GLY B 316 3.50 -9.02 -14.79
CA GLY B 316 2.57 -10.11 -14.96
C GLY B 316 1.50 -10.04 -13.89
N VAL B 317 0.49 -10.88 -14.04
CA VAL B 317 -0.49 -11.10 -12.98
C VAL B 317 -1.15 -12.44 -13.19
N ILE B 318 -1.43 -13.12 -12.10
CA ILE B 318 -2.27 -14.30 -12.10
C ILE B 318 -3.51 -14.00 -11.28
N VAL B 319 -4.55 -14.78 -11.53
CA VAL B 319 -5.90 -14.41 -11.12
C VAL B 319 -6.81 -15.63 -11.11
N LEU B 320 -7.66 -15.69 -10.10
CA LEU B 320 -8.74 -16.64 -10.13
C LEU B 320 -9.92 -16.07 -9.37
N ARG B 321 -11.11 -16.39 -9.86
CA ARG B 321 -12.35 -16.10 -9.17
C ARG B 321 -13.22 -17.36 -9.15
N SER B 322 -14.01 -17.48 -8.09
CA SER B 322 -14.81 -18.67 -7.88
C SER B 322 -16.21 -18.29 -7.42
N CYS B 323 -17.14 -19.22 -7.66
CA CYS B 323 -18.51 -19.09 -7.14
C CYS B 323 -19.12 -20.47 -6.99
N ARG B 324 -20.13 -20.56 -6.13
CA ARG B 324 -20.90 -21.78 -5.88
C ARG B 324 -22.19 -21.78 -6.70
N CYS B 325 -22.52 -22.94 -7.30
CA CYS B 325 -23.74 -23.12 -8.10
C CYS B 325 -24.28 -24.55 -8.03
N GLN B 336 -23.79 -28.26 -5.26
CA GLN B 336 -22.51 -28.54 -4.62
C GLN B 336 -21.38 -28.53 -5.63
N THR B 337 -21.27 -27.46 -6.43
CA THR B 337 -20.19 -27.34 -7.40
C THR B 337 -19.55 -25.96 -7.38
N LEU B 338 -18.22 -25.94 -7.49
CA LEU B 338 -17.43 -24.71 -7.49
C LEU B 338 -16.98 -24.39 -8.90
N LEU B 339 -17.36 -23.22 -9.39
CA LEU B 339 -16.86 -22.74 -10.67
C LEU B 339 -15.66 -21.84 -10.41
N VAL B 340 -14.56 -22.09 -11.10
CA VAL B 340 -13.27 -21.44 -10.89
C VAL B 340 -12.75 -20.99 -12.24
N GLU B 341 -12.82 -19.68 -12.51
CA GLU B 341 -12.15 -19.04 -13.63
C GLU B 341 -10.75 -18.64 -13.22
N PHE B 342 -9.80 -18.80 -14.12
CA PHE B 342 -8.42 -18.57 -13.81
C PHE B 342 -7.72 -18.03 -15.04
N LEU B 343 -6.71 -17.17 -14.80
CA LEU B 343 -6.13 -16.35 -15.85
C LEU B 343 -4.73 -15.87 -15.43
N TRP B 344 -3.95 -15.52 -16.45
CA TRP B 344 -2.65 -14.89 -16.32
C TRP B 344 -2.50 -13.94 -17.49
N SER B 345 -1.73 -12.90 -17.28
CA SER B 345 -1.61 -11.84 -18.26
C SER B 345 -0.34 -11.08 -17.93
N HIS B 346 0.30 -10.54 -18.95
CA HIS B 346 1.61 -10.00 -18.76
C HIS B 346 1.99 -9.23 -19.99
N THR B 347 2.75 -8.13 -19.78
CA THR B 347 3.38 -7.37 -20.85
C THR B 347 4.85 -7.69 -21.04
N THR B 348 5.42 -8.55 -20.20
CA THR B 348 6.81 -8.92 -20.39
C THR B 348 6.90 -9.85 -21.58
N GLU B 349 8.09 -9.97 -22.17
CA GLU B 349 8.19 -10.86 -23.32
C GLU B 349 7.85 -12.31 -22.96
N SER B 350 7.81 -12.67 -21.68
CA SER B 350 7.13 -13.92 -21.36
C SER B 350 6.91 -14.10 -19.85
N MET B 351 6.31 -15.24 -19.50
CA MET B 351 5.88 -15.54 -18.15
C MET B 351 5.50 -17.00 -18.03
N CYS B 352 6.06 -17.74 -17.08
CA CYS B 352 5.79 -19.16 -16.94
C CYS B 352 4.82 -19.43 -15.79
N VAL B 353 3.72 -20.13 -16.07
CA VAL B 353 2.71 -20.42 -15.05
C VAL B 353 2.52 -21.93 -14.88
N GLY B 354 1.67 -22.27 -13.94
CA GLY B 354 1.56 -23.61 -13.44
C GLY B 354 0.23 -23.72 -12.72
N TYR B 355 -0.56 -24.77 -12.96
CA TYR B 355 -1.86 -24.90 -12.31
C TYR B 355 -2.19 -26.36 -12.12
N MET B 356 -3.20 -26.62 -11.29
CA MET B 356 -3.49 -28.01 -10.95
C MET B 356 -4.76 -28.04 -10.14
N SER B 357 -5.67 -28.94 -10.51
CA SER B 357 -6.86 -29.22 -9.73
C SER B 357 -6.60 -30.43 -8.85
N ALA B 358 -7.11 -30.37 -7.62
CA ALA B 358 -7.08 -31.54 -6.75
C ALA B 358 -7.89 -32.70 -7.34
N GLN B 359 -8.98 -32.42 -8.06
CA GLN B 359 -9.85 -33.48 -8.58
C GLN B 359 -9.10 -34.38 -9.57
N ASP B 360 -8.42 -33.79 -10.55
CA ASP B 360 -7.69 -34.56 -11.54
C ASP B 360 -6.26 -34.88 -11.10
N GLY B 361 -5.60 -34.00 -10.36
CA GLY B 361 -4.23 -34.24 -9.96
C GLY B 361 -3.22 -34.18 -11.09
N LYS B 362 -3.60 -33.66 -12.24
CA LYS B 362 -2.67 -33.46 -13.35
C LYS B 362 -2.14 -32.02 -13.30
N ALA B 363 -0.84 -31.89 -13.07
CA ALA B 363 -0.20 -30.59 -12.96
C ALA B 363 0.22 -30.07 -14.34
N LYS B 364 -0.42 -29.00 -14.80
CA LYS B 364 -0.08 -28.38 -16.07
C LYS B 364 0.84 -27.18 -15.94
N THR B 365 1.81 -27.09 -16.84
CA THR B 365 2.65 -25.89 -16.97
C THR B 365 2.53 -25.33 -18.39
N HIS B 366 3.00 -24.09 -18.58
CA HIS B 366 2.88 -23.41 -19.86
C HIS B 366 3.67 -22.12 -19.89
N ILE B 367 4.62 -21.97 -20.80
CA ILE B 367 5.38 -20.73 -20.92
C ILE B 367 4.61 -19.81 -21.87
N SER B 368 4.07 -18.73 -21.33
CA SER B 368 3.34 -17.77 -22.14
C SER B 368 4.32 -16.77 -22.73
N ARG B 369 4.19 -16.50 -24.02
CA ARG B 369 5.04 -15.57 -24.74
C ARG B 369 4.20 -14.46 -25.34
N LEU B 370 4.83 -13.39 -25.66
CA LEU B 370 4.14 -12.38 -26.46
C LEU B 370 4.19 -12.77 -27.93
N PRO B 371 3.13 -12.51 -28.69
CA PRO B 371 3.16 -12.83 -30.12
C PRO B 371 4.20 -11.99 -30.84
N PRO B 372 4.92 -12.57 -31.83
CA PRO B 372 5.97 -11.80 -32.52
C PRO B 372 5.41 -10.56 -33.22
N GLY B 373 6.34 -9.64 -33.52
CA GLY B 373 5.94 -8.32 -33.96
C GLY B 373 5.26 -7.48 -32.90
N ALA B 374 5.39 -7.86 -31.63
CA ALA B 374 4.81 -7.13 -30.50
C ALA B 374 5.93 -6.92 -29.47
N VAL B 375 6.33 -5.69 -29.28
CA VAL B 375 7.45 -5.45 -28.38
C VAL B 375 6.89 -5.29 -26.98
N ALA B 376 7.68 -5.77 -26.02
CA ALA B 376 7.26 -5.73 -24.63
C ALA B 376 7.08 -4.30 -24.18
N GLY B 377 6.10 -4.09 -23.29
CA GLY B 377 5.73 -2.79 -22.81
C GLY B 377 4.45 -2.24 -23.37
N GLN B 378 4.07 -2.60 -24.61
CA GLN B 378 2.80 -2.14 -25.13
C GLN B 378 1.87 -3.27 -25.58
N SER B 379 2.33 -4.51 -25.61
CA SER B 379 1.44 -5.65 -25.87
C SER B 379 1.02 -6.33 -24.57
N VAL B 380 -0.16 -6.94 -24.58
CA VAL B 380 -0.66 -7.68 -23.43
C VAL B 380 -1.02 -9.07 -23.91
N ALA B 381 -0.28 -10.07 -23.45
CA ALA B 381 -0.70 -11.45 -23.50
C ALA B 381 -1.74 -11.74 -22.41
N ILE B 382 -2.69 -12.63 -22.71
CA ILE B 382 -3.69 -13.04 -21.70
C ILE B 382 -4.29 -14.39 -22.08
N GLU B 383 -4.45 -15.25 -21.08
CA GLU B 383 -4.87 -16.61 -21.28
C GLU B 383 -5.58 -17.11 -20.04
N GLY B 384 -6.52 -18.03 -20.23
CA GLY B 384 -7.21 -18.60 -19.09
C GLY B 384 -7.96 -19.85 -19.49
N GLY B 385 -8.39 -20.57 -18.45
CA GLY B 385 -9.29 -21.68 -18.61
C GLY B 385 -10.35 -21.56 -17.53
N VAL B 386 -11.28 -22.53 -17.44
CA VAL B 386 -12.21 -22.62 -16.33
C VAL B 386 -12.13 -24.02 -15.76
N CYS B 387 -12.78 -24.23 -14.62
CA CYS B 387 -12.71 -25.52 -13.98
C CYS B 387 -13.83 -25.68 -12.96
N ARG B 388 -14.63 -26.74 -13.08
CA ARG B 388 -15.70 -27.04 -12.14
C ARG B 388 -15.21 -28.06 -11.12
N LEU B 389 -15.49 -27.80 -9.85
CA LEU B 389 -15.08 -28.67 -8.75
C LEU B 389 -16.28 -29.06 -7.92
N GLU B 390 -16.06 -29.99 -6.99
CA GLU B 390 -17.07 -30.42 -6.00
C GLU B 390 -16.62 -30.07 -4.59
#